data_6CTS
#
_entry.id   6CTS
#
_cell.length_a   104.000
_cell.length_b   78.100
_cell.length_c   58.300
_cell.angle_alpha   90.00
_cell.angle_beta   78.90
_cell.angle_gamma   90.00
#
_symmetry.space_group_name_H-M   'C 1 2 1'
#
loop_
_entity.id
_entity.type
_entity.pdbx_description
1 polymer 'CITRATE SYNTHASE'
2 non-polymer 'CITRYL-THIOETHER-COENZYME *A'
3 water water
#
_entity_poly.entity_id   1
_entity_poly.type   'polypeptide(L)'
_entity_poly.pdbx_seq_one_letter_code
;ASSTNLKDVLAALIPKEQARIKTFRQQHGGTALGQITVDMSYGGMRGMKGLVYETSVLDPDEGIRFRGFSIPECQKLLPK
GG(UNK)GGEPLPEGLFWLLVTGQIPTGAQVSWLSKEWAKRAALPSHVVTMLDNFPTNLHPMSQLSAAITALNSESNFAR
AYAEGILRTKYWEMVYESAMDLIAKLPCVAAKIYRNLYRAGSSIGAIDSKLDWSHNFTNMLGYTDAQFTELMRLYLTIHS
DHEGGNVSAHTSHLVGSALSDPYLSFAAAMNGLAGPLHGLANQEVLGWLAQLQKA(UNK)(UNK)(UNK)AGADASLRDY
IWNTLNSGRVVPGYGHAVLRKTDPRYTCQREFALKHLPGDPMFKLVAQLYKIVPNVLLEQGAAANPWPNVDAHSGVLLQY
YGMTEMNYYTVLFGVSRALGVLAQLIWSRALGFPLERPKSMSTDGLIAL
;
_entity_poly.pdbx_strand_id   A
#
loop_
_chem_comp.id
_chem_comp.type
_chem_comp.name
_chem_comp.formula
CIC non-polymer 'CITRYL-THIOETHER-COENZYME *A' 'C27 H44 N7 O21 P3 S'
#
# COMPACT_ATOMS: atom_id res chain seq x y z
N ALA A 1 -5.34 35.35 10.12
CA ALA A 1 -6.04 34.66 11.23
C ALA A 1 -6.01 33.15 11.04
N SER A 2 -6.73 32.43 11.89
CA SER A 2 -6.96 30.99 11.84
C SER A 2 -5.87 29.91 12.01
N SER A 3 -6.28 28.62 11.95
CA SER A 3 -5.45 27.43 12.19
C SER A 3 -5.13 26.42 11.06
N THR A 4 -4.94 25.07 11.26
CA THR A 4 -4.67 24.05 10.19
C THR A 4 -5.87 23.45 9.44
N ASN A 5 -5.77 23.39 8.10
CA ASN A 5 -6.76 22.77 7.19
C ASN A 5 -6.15 22.33 5.86
N LEU A 6 -5.95 21.03 5.69
CA LEU A 6 -5.37 20.48 4.46
C LEU A 6 -6.15 20.92 3.24
N LYS A 7 -7.46 20.94 3.34
CA LYS A 7 -8.23 21.27 2.15
C LYS A 7 -7.89 22.66 1.68
N ASP A 8 -7.67 23.58 2.62
CA ASP A 8 -7.40 24.94 2.23
C ASP A 8 -6.06 25.05 1.53
N VAL A 9 -5.10 24.26 2.02
CA VAL A 9 -3.77 24.26 1.44
C VAL A 9 -3.84 23.76 0.00
N LEU A 10 -4.59 22.70 -0.20
CA LEU A 10 -4.70 22.15 -1.52
C LEU A 10 -5.27 23.14 -2.52
N ALA A 11 -6.23 23.93 -2.04
CA ALA A 11 -6.95 24.92 -2.81
C ALA A 11 -5.99 25.97 -3.36
N ALA A 12 -4.93 26.13 -2.60
CA ALA A 12 -3.92 27.09 -2.93
C ALA A 12 -2.97 26.47 -3.97
N LEU A 13 -2.61 25.20 -3.71
CA LEU A 13 -1.77 24.20 -4.44
C LEU A 13 -2.32 23.89 -5.87
N ILE A 14 -3.56 23.41 -6.03
CA ILE A 14 -4.17 23.04 -7.33
C ILE A 14 -3.98 23.99 -8.55
N PRO A 15 -4.38 25.23 -8.40
CA PRO A 15 -4.27 26.12 -9.52
C PRO A 15 -2.85 26.34 -10.00
N LYS A 16 -1.90 26.32 -9.08
CA LYS A 16 -0.53 26.51 -9.50
C LYS A 16 -0.07 25.32 -10.32
N GLU A 17 -0.36 24.13 -9.84
CA GLU A 17 0.04 22.91 -10.48
C GLU A 17 -0.62 22.73 -11.85
N GLN A 18 -1.86 23.14 -11.89
CA GLN A 18 -2.66 23.09 -13.08
C GLN A 18 -2.03 23.93 -14.19
N ALA A 19 -1.62 25.12 -13.75
CA ALA A 19 -1.00 26.11 -14.60
C ALA A 19 0.34 25.56 -15.06
N ARG A 20 1.01 24.93 -14.09
CA ARG A 20 2.30 24.33 -14.29
C ARG A 20 2.26 23.20 -15.29
N ILE A 21 1.29 22.31 -15.15
CA ILE A 21 1.16 21.25 -16.13
C ILE A 21 0.75 21.81 -17.48
N LYS A 22 -0.18 22.79 -17.57
CA LYS A 22 -0.49 23.29 -18.92
C LYS A 22 0.62 23.82 -19.80
N THR A 23 1.39 24.78 -19.30
CA THR A 23 2.52 25.28 -20.07
C THR A 23 3.47 24.15 -20.46
N PHE A 24 3.77 23.23 -19.54
CA PHE A 24 4.71 22.15 -19.86
C PHE A 24 4.23 21.38 -21.09
N ARG A 25 2.93 21.11 -21.07
CA ARG A 25 2.29 20.37 -22.13
C ARG A 25 2.22 21.13 -23.43
N GLN A 26 1.88 22.42 -23.30
CA GLN A 26 1.75 23.32 -24.43
C GLN A 26 3.04 23.27 -25.22
N GLN A 27 4.15 23.10 -24.50
CA GLN A 27 5.47 23.03 -25.08
C GLN A 27 6.00 21.67 -25.46
N HIS A 28 5.69 20.66 -24.64
CA HIS A 28 6.27 19.32 -24.75
C HIS A 28 5.34 18.14 -24.98
N GLY A 29 4.02 18.39 -24.99
CA GLY A 29 3.03 17.35 -25.22
C GLY A 29 3.40 16.36 -26.34
N GLY A 30 4.09 16.85 -27.34
CA GLY A 30 4.35 16.04 -28.51
C GLY A 30 5.64 15.27 -28.47
N THR A 31 6.34 15.53 -27.39
CA THR A 31 7.63 14.96 -27.12
C THR A 31 7.51 13.49 -26.88
N ALA A 32 8.26 12.74 -27.68
CA ALA A 32 8.31 11.31 -27.47
C ALA A 32 9.23 11.07 -26.30
N LEU A 33 8.73 10.24 -25.38
CA LEU A 33 9.32 9.83 -24.13
C LEU A 33 9.82 8.39 -24.19
N GLY A 34 9.32 7.69 -25.19
CA GLY A 34 9.65 6.29 -25.35
C GLY A 34 9.01 5.65 -26.58
N GLN A 35 9.38 4.39 -26.77
CA GLN A 35 8.82 3.54 -27.78
C GLN A 35 8.20 2.35 -27.10
N ILE A 36 7.34 1.70 -27.87
CA ILE A 36 6.60 0.52 -27.48
C ILE A 36 7.00 -0.64 -28.38
N THR A 37 7.41 -1.74 -27.77
CA THR A 37 7.81 -2.92 -28.51
C THR A 37 6.79 -4.03 -28.38
N VAL A 38 6.92 -5.03 -29.24
CA VAL A 38 6.06 -6.20 -29.23
C VAL A 38 6.23 -6.90 -27.87
N ASP A 39 7.49 -7.03 -27.46
CA ASP A 39 7.75 -7.66 -26.19
C ASP A 39 7.15 -6.94 -25.02
N MET A 40 7.01 -5.64 -25.23
CA MET A 40 6.49 -4.83 -24.17
C MET A 40 5.01 -5.14 -23.98
N SER A 41 4.32 -5.29 -25.11
CA SER A 41 2.92 -5.60 -25.14
C SER A 41 2.58 -6.95 -24.51
N TYR A 42 3.37 -7.99 -24.81
CA TYR A 42 3.22 -9.35 -24.26
C TYR A 42 3.80 -9.45 -22.85
N GLY A 43 4.62 -8.45 -22.55
CA GLY A 43 5.31 -8.44 -21.26
C GLY A 43 4.67 -7.61 -20.15
N GLY A 44 3.37 -7.35 -20.18
CA GLY A 44 2.74 -6.60 -19.11
C GLY A 44 3.26 -5.19 -18.92
N MET A 45 3.50 -4.51 -20.03
CA MET A 45 3.97 -3.13 -20.02
C MET A 45 5.34 -2.94 -19.40
N ARG A 46 6.06 -4.05 -19.21
CA ARG A 46 7.37 -4.00 -18.59
C ARG A 46 8.25 -3.03 -19.32
N GLY A 47 8.66 -1.99 -18.62
CA GLY A 47 9.50 -1.00 -19.25
C GLY A 47 8.73 0.15 -19.87
N MET A 48 7.41 0.08 -19.92
CA MET A 48 6.64 1.14 -20.55
C MET A 48 6.30 2.30 -19.61
N LYS A 49 6.61 3.55 -20.00
CA LYS A 49 6.28 4.79 -19.28
C LYS A 49 4.85 5.10 -19.67
N GLY A 50 3.95 4.64 -18.83
CA GLY A 50 2.57 4.74 -19.18
C GLY A 50 1.72 5.73 -18.42
N LEU A 51 2.09 6.12 -17.19
CA LEU A 51 1.26 6.96 -16.32
C LEU A 51 1.97 8.10 -15.65
N VAL A 52 1.18 9.12 -15.28
CA VAL A 52 1.68 10.20 -14.44
C VAL A 52 1.13 9.99 -13.03
N TYR A 53 2.04 9.90 -12.09
CA TYR A 53 1.63 9.62 -10.72
C TYR A 53 2.53 10.45 -9.85
N GLU A 54 1.93 11.30 -9.07
CA GLU A 54 2.83 12.25 -8.51
C GLU A 54 3.38 12.05 -7.14
N THR A 55 2.74 11.20 -6.41
CA THR A 55 3.06 11.05 -5.01
C THR A 55 4.37 10.37 -4.70
N SER A 56 4.80 9.49 -5.60
CA SER A 56 6.07 8.81 -5.38
C SER A 56 6.76 8.34 -6.67
N VAL A 57 8.08 8.19 -6.62
CA VAL A 57 8.79 7.70 -7.79
C VAL A 57 9.72 6.58 -7.42
N LEU A 58 9.56 5.46 -8.13
CA LEU A 58 10.40 4.28 -7.93
C LEU A 58 11.60 4.28 -8.86
N ASP A 59 12.75 4.32 -8.22
CA ASP A 59 14.02 4.20 -8.89
C ASP A 59 14.47 2.75 -8.82
N PRO A 60 14.75 2.21 -9.99
CA PRO A 60 15.22 0.85 -10.20
C PRO A 60 16.38 0.42 -9.32
N ASP A 61 17.27 1.40 -9.00
CA ASP A 61 18.46 1.20 -8.16
C ASP A 61 18.33 1.71 -6.74
N GLU A 62 17.84 2.91 -6.60
CA GLU A 62 17.74 3.43 -5.27
C GLU A 62 16.43 3.00 -4.61
N GLY A 63 15.41 2.79 -5.42
CA GLY A 63 14.12 2.47 -4.87
C GLY A 63 13.28 3.73 -4.66
N ILE A 64 12.13 3.55 -3.99
CA ILE A 64 11.11 4.54 -3.72
C ILE A 64 11.51 5.85 -3.04
N ARG A 65 10.92 6.92 -3.57
CA ARG A 65 10.96 8.26 -3.02
C ARG A 65 9.55 8.86 -2.96
N PHE A 66 9.28 9.37 -1.78
CA PHE A 66 8.10 10.08 -1.38
C PHE A 66 8.07 11.51 -1.93
N ARG A 67 8.87 12.52 -1.58
CA ARG A 67 8.79 13.64 -2.54
C ARG A 67 9.71 13.07 -3.60
N GLY A 68 10.89 13.48 -3.22
CA GLY A 68 12.20 13.10 -3.61
C GLY A 68 12.76 12.64 -2.26
N PHE A 69 11.87 12.24 -1.34
CA PHE A 69 12.32 11.78 -0.04
C PHE A 69 12.50 10.26 0.11
N SER A 70 13.72 9.78 0.38
CA SER A 70 13.93 8.35 0.62
C SER A 70 13.40 7.87 1.97
N ILE A 71 13.23 6.57 2.16
CA ILE A 71 12.80 6.06 3.45
C ILE A 71 13.67 6.54 4.62
N PRO A 72 15.01 6.43 4.51
CA PRO A 72 15.90 6.92 5.53
C PRO A 72 15.69 8.40 5.83
N GLU A 73 15.42 9.18 4.79
CA GLU A 73 15.12 10.60 4.94
C GLU A 73 13.77 10.86 5.63
N CYS A 74 12.77 10.01 5.37
CA CYS A 74 11.45 10.11 5.97
C CYS A 74 11.56 9.79 7.43
N GLN A 75 12.34 8.73 7.66
CA GLN A 75 12.64 8.26 8.98
C GLN A 75 13.16 9.40 9.85
N LYS A 76 14.04 10.26 9.34
CA LYS A 76 14.51 11.37 10.15
C LYS A 76 13.67 12.65 10.16
N LEU A 77 12.97 12.94 9.05
CA LEU A 77 12.19 14.16 8.89
C LEU A 77 10.74 14.21 9.34
N LEU A 78 10.07 13.05 9.36
CA LEU A 78 8.67 12.89 9.71
C LEU A 78 8.51 12.87 11.24
N PRO A 79 7.53 13.61 11.80
CA PRO A 79 7.21 13.67 13.23
C PRO A 79 6.95 12.28 13.72
N LYS A 80 7.30 12.01 14.97
CA LYS A 80 7.19 10.69 15.54
C LYS A 80 6.19 10.79 16.63
N GLY A 81 5.87 9.64 17.25
CA GLY A 81 4.92 9.48 18.35
C GLY A 81 5.28 10.33 19.55
N GLY A 82 6.47 10.12 20.06
CA GLY A 82 6.89 10.90 21.19
C GLY A 82 8.36 11.25 21.04
N GLY A 84 8.19 6.36 20.21
CA GLY A 84 8.63 7.63 19.65
C GLY A 84 9.91 7.61 18.82
N GLY A 85 10.07 6.60 17.94
CA GLY A 85 11.23 6.46 17.05
C GLY A 85 10.75 6.25 15.62
N GLU A 86 9.52 5.79 15.49
CA GLU A 86 9.06 5.65 14.13
C GLU A 86 8.17 6.72 13.57
N PRO A 87 8.36 6.98 12.27
CA PRO A 87 7.55 7.98 11.59
C PRO A 87 6.06 7.64 11.57
N LEU A 88 5.25 8.67 11.86
CA LEU A 88 3.79 8.61 11.94
C LEU A 88 3.23 8.55 10.51
N PRO A 89 2.38 7.56 10.18
CA PRO A 89 1.83 7.53 8.83
C PRO A 89 1.07 8.81 8.50
N GLU A 90 0.48 9.49 9.50
CA GLU A 90 -0.23 10.76 9.34
C GLU A 90 0.61 11.76 8.59
N GLY A 91 1.85 11.84 9.05
CA GLY A 91 2.85 12.72 8.42
C GLY A 91 3.25 12.31 7.00
N LEU A 92 3.33 11.01 6.77
CA LEU A 92 3.64 10.58 5.43
C LEU A 92 2.53 11.06 4.47
N PHE A 93 1.31 11.01 4.99
CA PHE A 93 0.11 11.41 4.27
C PHE A 93 0.12 12.87 3.83
N TRP A 94 0.43 13.75 4.78
CA TRP A 94 0.56 15.17 4.54
C TRP A 94 1.60 15.33 3.45
N LEU A 95 2.74 14.69 3.72
CA LEU A 95 3.86 14.74 2.80
C LEU A 95 3.45 14.34 1.39
N LEU A 96 2.71 13.25 1.27
CA LEU A 96 2.33 12.75 -0.04
C LEU A 96 1.35 13.67 -0.75
N VAL A 97 0.48 14.25 0.07
CA VAL A 97 -0.56 15.14 -0.40
C VAL A 97 -0.08 16.50 -0.87
N THR A 98 0.79 17.08 -0.04
CA THR A 98 1.33 18.40 -0.26
C THR A 98 2.73 18.51 -0.85
N GLY A 99 3.57 17.47 -0.83
CA GLY A 99 4.96 17.64 -1.30
C GLY A 99 5.83 18.27 -0.20
N GLN A 100 5.18 18.62 0.90
CA GLN A 100 5.94 19.24 1.95
C GLN A 100 5.90 18.40 3.23
N ILE A 101 6.99 18.51 4.02
CA ILE A 101 7.18 17.91 5.34
C ILE A 101 6.32 18.63 6.34
N PRO A 102 5.56 17.84 7.06
CA PRO A 102 4.61 18.45 7.95
C PRO A 102 5.22 18.82 9.29
N THR A 103 4.56 19.72 10.01
CA THR A 103 5.00 20.04 11.36
C THR A 103 4.30 19.08 12.31
N GLY A 104 4.75 18.96 13.54
CA GLY A 104 4.04 18.07 14.46
C GLY A 104 2.60 18.53 14.60
N ALA A 105 2.45 19.84 14.49
CA ALA A 105 1.19 20.54 14.56
C ALA A 105 0.24 20.10 13.44
N GLN A 106 0.73 19.99 12.20
CA GLN A 106 -0.11 19.50 11.12
C GLN A 106 -0.49 18.05 11.35
N VAL A 107 0.50 17.34 11.88
CA VAL A 107 0.45 15.90 12.11
C VAL A 107 -0.67 15.52 13.05
N SER A 108 -0.77 16.32 14.10
CA SER A 108 -1.83 16.29 15.09
C SER A 108 -3.17 16.59 14.42
N TRP A 109 -3.18 17.42 13.39
CA TRP A 109 -4.49 17.65 12.79
C TRP A 109 -5.11 16.46 12.07
N LEU A 110 -4.32 15.77 11.26
CA LEU A 110 -4.72 14.54 10.57
C LEU A 110 -5.20 13.51 11.60
N SER A 111 -4.43 13.37 12.67
CA SER A 111 -4.81 12.42 13.68
C SER A 111 -6.19 12.72 14.16
N LYS A 112 -6.44 13.94 14.68
CA LYS A 112 -7.78 14.20 15.19
C LYS A 112 -8.86 13.97 14.14
N GLU A 113 -8.56 14.49 12.96
CA GLU A 113 -9.38 14.39 11.78
C GLU A 113 -9.78 12.96 11.42
N TRP A 114 -8.82 12.04 11.40
CA TRP A 114 -9.13 10.66 11.15
C TRP A 114 -9.79 10.05 12.39
N ALA A 115 -9.69 10.76 13.49
CA ALA A 115 -10.36 10.19 14.61
C ALA A 115 -11.84 10.54 14.59
N LYS A 116 -12.16 11.84 14.42
CA LYS A 116 -13.53 12.32 14.35
C LYS A 116 -14.34 11.63 13.27
N ARG A 117 -13.66 11.23 12.19
CA ARG A 117 -14.32 10.70 11.01
C ARG A 117 -14.62 9.21 10.96
N ALA A 118 -14.01 8.43 11.87
CA ALA A 118 -14.06 6.98 11.99
C ALA A 118 -15.41 6.50 12.47
N ALA A 119 -16.25 6.09 11.53
CA ALA A 119 -17.59 5.63 11.81
C ALA A 119 -18.14 4.66 10.77
N LEU A 120 -18.62 3.55 11.32
CA LEU A 120 -19.08 2.44 10.53
C LEU A 120 -20.58 2.35 10.56
N PRO A 121 -21.14 2.36 9.36
CA PRO A 121 -22.57 2.29 9.21
C PRO A 121 -23.05 0.89 9.52
N SER A 122 -24.26 0.85 9.99
CA SER A 122 -24.86 -0.38 10.40
C SER A 122 -24.87 -1.53 9.40
N HIS A 123 -25.05 -1.23 8.13
CA HIS A 123 -25.13 -2.29 7.14
C HIS A 123 -23.79 -2.96 6.90
N VAL A 124 -22.74 -2.19 7.19
CA VAL A 124 -21.41 -2.73 7.06
C VAL A 124 -21.08 -3.66 8.23
N VAL A 125 -21.30 -3.22 9.48
CA VAL A 125 -21.03 -4.04 10.65
C VAL A 125 -21.72 -5.38 10.55
N THR A 126 -22.94 -5.29 10.00
CA THR A 126 -23.84 -6.40 9.83
C THR A 126 -23.31 -7.46 8.90
N MET A 127 -22.82 -7.03 7.77
CA MET A 127 -22.27 -7.91 6.79
C MET A 127 -21.02 -8.63 7.28
N LEU A 128 -20.11 -7.85 7.85
CA LEU A 128 -18.85 -8.36 8.39
C LEU A 128 -19.15 -9.38 9.47
N ASP A 129 -20.13 -9.02 10.30
CA ASP A 129 -20.57 -9.93 11.37
C ASP A 129 -21.09 -11.27 10.86
N ASN A 130 -21.71 -11.27 9.68
CA ASN A 130 -22.29 -12.45 9.07
C ASN A 130 -21.38 -13.25 8.14
N PHE A 131 -20.19 -12.72 7.79
CA PHE A 131 -19.23 -13.37 6.92
C PHE A 131 -18.70 -14.67 7.47
N PRO A 132 -18.63 -15.65 6.60
CA PRO A 132 -18.14 -16.94 7.02
C PRO A 132 -16.67 -16.80 7.40
N THR A 133 -16.15 -17.75 8.21
CA THR A 133 -14.74 -17.72 8.61
C THR A 133 -13.78 -18.24 7.54
N ASN A 134 -14.30 -18.96 6.55
CA ASN A 134 -13.45 -19.40 5.46
C ASN A 134 -13.45 -18.33 4.38
N LEU A 135 -13.90 -17.14 4.71
CA LEU A 135 -13.87 -16.10 3.70
C LEU A 135 -12.62 -15.28 3.95
N HIS A 136 -11.76 -15.25 2.96
CA HIS A 136 -10.48 -14.63 3.19
C HIS A 136 -10.61 -13.19 3.65
N PRO A 137 -9.72 -12.78 4.57
CA PRO A 137 -9.73 -11.44 5.12
C PRO A 137 -9.66 -10.31 4.10
N MET A 138 -8.95 -10.54 2.99
CA MET A 138 -8.85 -9.57 1.92
C MET A 138 -10.20 -9.47 1.22
N SER A 139 -10.87 -10.61 1.08
CA SER A 139 -12.19 -10.65 0.48
C SER A 139 -13.14 -9.91 1.36
N GLN A 140 -13.07 -10.26 2.63
CA GLN A 140 -13.95 -9.54 3.52
C GLN A 140 -13.62 -8.06 3.44
N LEU A 141 -12.33 -7.74 3.42
CA LEU A 141 -11.98 -6.34 3.38
C LEU A 141 -12.57 -5.57 2.20
N SER A 142 -12.38 -6.11 1.02
CA SER A 142 -12.88 -5.59 -0.24
C SER A 142 -14.39 -5.50 -0.29
N ALA A 143 -15.12 -6.54 0.10
CA ALA A 143 -16.57 -6.41 0.05
C ALA A 143 -17.05 -5.27 0.92
N ALA A 144 -16.49 -5.22 2.13
CA ALA A 144 -16.81 -4.16 3.07
C ALA A 144 -16.63 -2.78 2.50
N ILE A 145 -15.43 -2.45 1.96
CA ILE A 145 -15.20 -1.13 1.38
C ILE A 145 -16.14 -0.82 0.24
N THR A 146 -16.43 -1.83 -0.59
CA THR A 146 -17.40 -1.71 -1.67
C THR A 146 -18.75 -1.28 -1.07
N ALA A 147 -19.24 -2.08 -0.11
CA ALA A 147 -20.48 -1.84 0.65
C ALA A 147 -20.56 -0.46 1.28
N LEU A 148 -19.44 0.20 1.59
CA LEU A 148 -19.45 1.54 2.19
C LEU A 148 -19.81 2.64 1.21
N ASN A 149 -19.70 2.35 -0.09
CA ASN A 149 -19.94 3.31 -1.14
C ASN A 149 -21.24 4.10 -1.05
N SER A 150 -22.23 3.51 -0.35
CA SER A 150 -23.55 3.98 0.10
C SER A 150 -23.44 5.39 0.66
N GLU A 151 -22.24 5.59 1.16
CA GLU A 151 -21.86 6.73 1.94
C GLU A 151 -21.04 7.80 1.23
N SER A 152 -20.71 7.55 -0.05
CA SER A 152 -19.90 8.44 -0.91
C SER A 152 -20.43 9.84 -1.10
N ASN A 153 -19.60 10.77 -0.65
CA ASN A 153 -19.88 12.17 -0.88
C ASN A 153 -19.62 12.50 -2.36
N PHE A 154 -18.62 11.88 -2.96
CA PHE A 154 -18.37 12.14 -4.37
C PHE A 154 -19.47 11.57 -5.27
N ALA A 155 -19.98 10.37 -4.94
CA ALA A 155 -21.05 9.70 -5.67
C ALA A 155 -22.35 10.49 -5.72
N ARG A 156 -22.65 11.12 -4.59
CA ARG A 156 -23.82 11.96 -4.36
C ARG A 156 -23.68 13.29 -5.05
N ALA A 157 -22.51 13.86 -4.94
CA ALA A 157 -22.33 15.15 -5.55
C ALA A 157 -22.46 15.07 -7.08
N TYR A 158 -21.91 13.99 -7.66
CA TYR A 158 -21.92 13.63 -9.08
C TYR A 158 -23.35 13.47 -9.59
N ALA A 159 -24.10 12.66 -8.83
CA ALA A 159 -25.52 12.43 -9.02
C ALA A 159 -26.25 13.76 -8.92
N GLU A 160 -25.71 14.67 -8.13
CA GLU A 160 -26.34 15.97 -8.14
C GLU A 160 -25.98 16.79 -9.37
N GLY A 161 -24.93 16.45 -10.09
CA GLY A 161 -24.62 17.26 -11.25
C GLY A 161 -23.58 18.36 -11.04
N ILE A 162 -22.65 18.21 -10.08
CA ILE A 162 -21.60 19.21 -9.88
C ILE A 162 -20.70 19.35 -11.10
N LEU A 163 -20.20 20.55 -11.26
CA LEU A 163 -19.28 20.89 -12.31
C LEU A 163 -18.03 20.04 -12.12
N ARG A 164 -17.32 19.58 -13.18
CA ARG A 164 -16.09 18.76 -13.05
C ARG A 164 -14.98 19.37 -12.23
N THR A 165 -14.88 20.67 -12.33
CA THR A 165 -13.93 21.45 -11.57
C THR A 165 -13.95 21.22 -10.05
N LYS A 166 -15.07 20.80 -9.48
CA LYS A 166 -15.03 20.65 -8.06
C LYS A 166 -14.81 19.23 -7.63
N TYR A 167 -14.62 18.32 -8.58
CA TYR A 167 -14.49 16.90 -8.24
C TYR A 167 -13.60 16.60 -7.05
N TRP A 168 -12.37 17.09 -7.15
CA TRP A 168 -11.33 16.90 -6.15
C TRP A 168 -11.84 17.21 -4.76
N GLU A 169 -12.79 18.13 -4.67
CA GLU A 169 -13.26 18.49 -3.35
C GLU A 169 -13.96 17.39 -2.61
N MET A 170 -14.80 16.69 -3.35
CA MET A 170 -15.58 15.59 -2.79
C MET A 170 -14.72 14.33 -2.68
N VAL A 171 -13.75 14.20 -3.60
CA VAL A 171 -12.82 13.08 -3.54
C VAL A 171 -12.01 13.14 -2.25
N TYR A 172 -11.59 14.35 -1.91
CA TYR A 172 -10.84 14.62 -0.71
C TYR A 172 -11.65 14.22 0.51
N GLU A 173 -12.91 14.61 0.54
CA GLU A 173 -13.69 14.28 1.72
C GLU A 173 -13.83 12.79 1.87
N SER A 174 -14.10 12.15 0.74
CA SER A 174 -14.27 10.71 0.79
C SER A 174 -12.97 9.94 1.07
N ALA A 175 -11.84 10.51 0.64
CA ALA A 175 -10.53 9.96 0.93
C ALA A 175 -10.24 10.00 2.43
N MET A 176 -10.53 11.15 3.06
CA MET A 176 -10.35 11.33 4.50
C MET A 176 -11.28 10.44 5.30
N ASP A 177 -12.54 10.35 4.90
CA ASP A 177 -13.46 9.47 5.58
C ASP A 177 -13.06 8.00 5.54
N LEU A 178 -12.65 7.55 4.33
CA LEU A 178 -12.22 6.20 4.01
C LEU A 178 -10.98 5.85 4.79
N ILE A 179 -9.98 6.74 4.77
CA ILE A 179 -8.79 6.47 5.57
C ILE A 179 -9.11 6.27 7.03
N ALA A 180 -9.97 7.14 7.54
CA ALA A 180 -10.43 7.06 8.90
C ALA A 180 -11.18 5.78 9.26
N LYS A 181 -11.99 5.24 8.34
CA LYS A 181 -12.83 4.07 8.64
C LYS A 181 -12.10 2.75 8.55
N LEU A 182 -11.11 2.76 7.68
CA LEU A 182 -10.28 1.61 7.41
C LEU A 182 -9.86 0.78 8.64
N PRO A 183 -9.18 1.35 9.63
CA PRO A 183 -8.78 0.53 10.76
C PRO A 183 -9.97 -0.01 11.53
N CYS A 184 -11.12 0.64 11.41
CA CYS A 184 -12.27 0.05 12.06
C CYS A 184 -12.73 -1.24 11.41
N VAL A 185 -12.81 -1.23 10.07
CA VAL A 185 -13.20 -2.34 9.22
C VAL A 185 -12.23 -3.50 9.33
N ALA A 186 -10.96 -3.14 9.26
CA ALA A 186 -9.89 -4.12 9.32
C ALA A 186 -9.83 -4.85 10.67
N ALA A 187 -10.02 -4.12 11.75
CA ALA A 187 -9.98 -4.61 13.12
C ALA A 187 -11.18 -5.49 13.41
N LYS A 188 -12.30 -5.06 12.83
CA LYS A 188 -13.51 -5.81 12.99
C LYS A 188 -13.41 -7.19 12.34
N ILE A 189 -12.73 -7.23 11.22
CA ILE A 189 -12.52 -8.52 10.63
C ILE A 189 -11.61 -9.35 11.53
N TYR A 190 -10.59 -8.73 12.11
CA TYR A 190 -9.62 -9.40 12.94
C TYR A 190 -10.20 -9.94 14.23
N ARG A 191 -11.07 -9.12 14.79
CA ARG A 191 -11.76 -9.44 16.01
C ARG A 191 -12.73 -10.61 15.74
N ASN A 192 -13.46 -10.54 14.62
CA ASN A 192 -14.42 -11.58 14.24
C ASN A 192 -13.84 -12.97 14.07
N LEU A 193 -12.84 -13.00 13.23
CA LEU A 193 -12.17 -14.20 12.84
C LEU A 193 -11.29 -14.80 13.94
N TYR A 194 -10.47 -13.97 14.59
CA TYR A 194 -9.48 -14.42 15.55
C TYR A 194 -9.75 -14.15 17.02
N ARG A 195 -10.79 -13.39 17.37
CA ARG A 195 -11.12 -13.07 18.76
C ARG A 195 -12.61 -13.05 19.03
N ALA A 196 -13.33 -14.04 18.48
CA ALA A 196 -14.79 -14.14 18.53
C ALA A 196 -15.42 -13.89 19.89
N GLY A 197 -16.27 -12.88 19.95
CA GLY A 197 -16.97 -12.55 21.17
C GLY A 197 -16.53 -11.22 21.73
N SER A 198 -15.35 -10.78 21.32
CA SER A 198 -14.77 -9.55 21.80
C SER A 198 -15.19 -8.35 20.96
N SER A 199 -14.78 -7.15 21.35
CA SER A 199 -15.23 -6.02 20.55
C SER A 199 -14.15 -5.01 20.23
N ILE A 200 -14.28 -4.34 19.08
CA ILE A 200 -13.30 -3.33 18.69
C ILE A 200 -13.11 -2.13 19.59
N GLY A 201 -14.09 -1.85 20.42
CA GLY A 201 -13.89 -0.73 21.30
C GLY A 201 -14.16 0.55 20.52
N ALA A 202 -13.69 1.59 21.17
CA ALA A 202 -13.83 2.98 20.78
C ALA A 202 -12.52 3.61 20.29
N ILE A 203 -12.70 4.57 19.39
CA ILE A 203 -11.58 5.31 18.88
C ILE A 203 -11.39 6.47 19.84
N ASP A 204 -10.16 6.78 20.21
CA ASP A 204 -9.85 7.87 21.13
C ASP A 204 -9.16 8.94 20.32
N SER A 205 -9.79 10.12 20.29
CA SER A 205 -9.35 11.31 19.59
C SER A 205 -7.99 11.82 20.01
N LYS A 206 -7.49 11.32 21.12
CA LYS A 206 -6.20 11.75 21.56
C LYS A 206 -5.07 10.88 21.04
N LEU A 207 -5.37 9.73 20.45
CA LEU A 207 -4.24 8.96 19.91
C LEU A 207 -4.00 9.12 18.41
N ASP A 208 -2.82 8.69 17.99
CA ASP A 208 -2.50 8.64 16.58
C ASP A 208 -3.19 7.39 16.03
N TRP A 209 -3.50 7.48 14.75
CA TRP A 209 -4.20 6.47 13.98
C TRP A 209 -3.74 5.03 14.27
N SER A 210 -2.41 4.80 14.14
CA SER A 210 -1.68 3.52 14.34
C SER A 210 -1.95 2.91 15.71
N HIS A 211 -1.87 3.78 16.71
CA HIS A 211 -2.17 3.51 18.10
C HIS A 211 -3.63 3.12 18.30
N ASN A 212 -4.56 3.84 17.71
CA ASN A 212 -5.95 3.44 17.85
C ASN A 212 -6.17 2.09 17.14
N PHE A 213 -5.38 1.85 16.10
CA PHE A 213 -5.49 0.64 15.30
C PHE A 213 -5.08 -0.55 16.13
N THR A 214 -3.90 -0.45 16.74
CA THR A 214 -3.41 -1.53 17.57
C THR A 214 -4.30 -1.76 18.76
N ASN A 215 -4.93 -0.72 19.24
CA ASN A 215 -5.82 -0.85 20.35
C ASN A 215 -7.04 -1.65 19.90
N MET A 216 -7.45 -1.40 18.66
CA MET A 216 -8.59 -2.08 18.08
C MET A 216 -8.30 -3.52 17.78
N LEU A 217 -7.02 -3.80 17.49
CA LEU A 217 -6.57 -5.16 17.23
C LEU A 217 -6.34 -5.84 18.54
N GLY A 218 -6.12 -5.04 19.57
CA GLY A 218 -5.99 -5.58 20.89
C GLY A 218 -4.59 -5.89 21.28
N TYR A 219 -3.63 -5.16 20.73
CA TYR A 219 -2.24 -5.39 21.10
C TYR A 219 -1.79 -4.34 22.08
N THR A 220 -1.07 -4.78 23.11
CA THR A 220 -0.65 -3.82 24.11
C THR A 220 0.81 -3.42 24.06
N ASP A 221 1.63 -4.31 23.53
CA ASP A 221 3.06 -4.10 23.50
C ASP A 221 3.41 -2.74 22.94
N ALA A 222 4.04 -1.93 23.78
CA ALA A 222 4.54 -0.65 23.33
C ALA A 222 5.38 -0.74 22.03
N GLN A 223 6.26 -1.77 21.87
CA GLN A 223 7.03 -1.98 20.63
C GLN A 223 6.15 -2.38 19.45
N PHE A 224 5.05 -3.08 19.70
CA PHE A 224 4.15 -3.39 18.60
C PHE A 224 3.62 -2.10 17.91
N THR A 225 3.28 -1.10 18.72
CA THR A 225 2.77 0.17 18.22
C THR A 225 3.75 0.86 17.28
N GLU A 226 5.01 0.84 17.71
CA GLU A 226 6.11 1.38 16.93
C GLU A 226 6.21 0.61 15.62
N LEU A 227 6.05 -0.72 15.72
CA LEU A 227 6.06 -1.54 14.52
C LEU A 227 5.03 -1.03 13.54
N MET A 228 3.84 -0.85 14.06
CA MET A 228 2.72 -0.47 13.25
C MET A 228 2.91 0.81 12.47
N ARG A 229 3.29 1.84 13.21
CA ARG A 229 3.58 3.12 12.62
C ARG A 229 4.57 2.97 11.46
N LEU A 230 5.62 2.18 11.64
CA LEU A 230 6.59 2.07 10.57
C LEU A 230 6.04 1.34 9.36
N TYR A 231 5.37 0.25 9.70
CA TYR A 231 4.77 -0.63 8.74
C TYR A 231 3.82 0.10 7.79
N LEU A 232 2.86 0.82 8.39
CA LEU A 232 1.86 1.58 7.67
C LEU A 232 2.48 2.77 6.92
N THR A 233 3.63 3.22 7.36
CA THR A 233 4.29 4.29 6.67
C THR A 233 5.03 3.77 5.44
N ILE A 234 5.78 2.69 5.62
CA ILE A 234 6.57 2.16 4.52
C ILE A 234 5.79 1.52 3.39
N HIS A 235 4.56 1.12 3.69
CA HIS A 235 3.72 0.42 2.73
C HIS A 235 2.83 1.39 1.97
N SER A 236 2.83 2.63 2.42
CA SER A 236 2.05 3.71 1.84
C SER A 236 1.75 3.67 0.36
N ASP A 237 2.85 3.90 -0.36
CA ASP A 237 2.84 4.11 -1.78
C ASP A 237 4.07 3.55 -2.53
N HIS A 238 3.90 3.11 -3.77
CA HIS A 238 5.01 2.57 -4.52
C HIS A 238 4.86 2.92 -5.99
N GLU A 239 4.87 4.21 -6.20
CA GLU A 239 4.63 4.79 -7.49
C GLU A 239 3.32 4.27 -8.05
N GLY A 240 3.03 4.59 -9.32
CA GLY A 240 1.73 4.32 -9.89
C GLY A 240 1.50 3.03 -10.67
N GLY A 241 2.58 2.42 -11.14
CA GLY A 241 2.54 1.23 -11.96
C GLY A 241 2.23 -0.08 -11.27
N ASN A 242 2.33 -0.15 -9.93
CA ASN A 242 2.04 -1.39 -9.22
C ASN A 242 0.57 -1.70 -9.35
N VAL A 243 0.26 -2.98 -9.41
CA VAL A 243 -1.10 -3.40 -9.60
C VAL A 243 -2.18 -2.69 -8.76
N SER A 244 -1.93 -2.44 -7.48
CA SER A 244 -2.95 -1.86 -6.63
C SER A 244 -3.15 -0.38 -6.92
N ALA A 245 -2.04 0.34 -6.90
CA ALA A 245 -2.12 1.73 -7.28
C ALA A 245 -2.70 1.90 -8.66
N HIS A 246 -2.19 1.20 -9.68
CA HIS A 246 -2.74 1.38 -11.02
C HIS A 246 -4.22 1.04 -11.10
N THR A 247 -4.65 -0.01 -10.41
CA THR A 247 -6.06 -0.34 -10.50
C THR A 247 -6.92 0.80 -9.93
N SER A 248 -6.49 1.40 -8.81
CA SER A 248 -7.29 2.47 -8.26
C SER A 248 -7.33 3.65 -9.20
N HIS A 249 -6.22 3.79 -9.92
CA HIS A 249 -6.05 4.89 -10.85
C HIS A 249 -6.94 4.74 -12.07
N LEU A 250 -6.96 3.52 -12.61
CA LEU A 250 -7.78 3.09 -13.74
C LEU A 250 -9.27 3.21 -13.44
N VAL A 251 -9.69 2.67 -12.30
CA VAL A 251 -11.07 2.72 -11.85
C VAL A 251 -11.50 4.13 -11.46
N GLY A 252 -10.63 4.88 -10.79
CA GLY A 252 -10.98 6.24 -10.43
C GLY A 252 -11.21 7.15 -11.64
N SER A 253 -10.52 6.81 -12.73
CA SER A 253 -10.55 7.55 -13.99
C SER A 253 -11.91 7.56 -14.65
N ALA A 254 -12.70 6.57 -14.31
CA ALA A 254 -14.00 6.42 -14.87
C ALA A 254 -15.07 7.16 -14.08
N LEU A 255 -14.64 7.72 -12.96
CA LEU A 255 -15.50 8.44 -12.05
C LEU A 255 -16.19 7.66 -10.94
N SER A 256 -15.78 6.42 -10.80
CA SER A 256 -16.24 5.64 -9.69
C SER A 256 -15.65 6.31 -8.48
N ASP A 257 -16.47 6.43 -7.43
CA ASP A 257 -16.09 7.06 -6.20
C ASP A 257 -14.82 6.48 -5.57
N PRO A 258 -14.31 7.12 -4.49
CA PRO A 258 -13.09 6.60 -3.89
C PRO A 258 -13.16 5.24 -3.20
N TYR A 259 -14.38 4.85 -2.77
CA TYR A 259 -14.67 3.57 -2.11
C TYR A 259 -14.51 2.40 -3.07
N LEU A 260 -15.25 2.50 -4.17
CA LEU A 260 -15.19 1.53 -5.27
C LEU A 260 -13.80 1.41 -5.85
N SER A 261 -13.09 2.51 -6.02
CA SER A 261 -11.78 2.36 -6.60
C SER A 261 -10.81 1.67 -5.68
N PHE A 262 -10.94 1.95 -4.38
CA PHE A 262 -10.09 1.34 -3.37
C PHE A 262 -10.31 -0.14 -3.26
N ALA A 263 -11.57 -0.56 -3.18
CA ALA A 263 -11.87 -2.00 -3.10
C ALA A 263 -11.33 -2.78 -4.32
N ALA A 264 -11.30 -2.16 -5.50
CA ALA A 264 -10.77 -2.86 -6.66
C ALA A 264 -9.27 -2.91 -6.48
N ALA A 265 -8.76 -1.87 -5.87
CA ALA A 265 -7.34 -1.85 -5.63
C ALA A 265 -6.98 -3.05 -4.75
N MET A 266 -7.88 -3.35 -3.85
CA MET A 266 -7.63 -4.43 -2.92
C MET A 266 -7.67 -5.83 -3.53
N ASN A 267 -8.53 -6.04 -4.56
CA ASN A 267 -8.68 -7.31 -5.29
C ASN A 267 -7.36 -7.59 -6.03
N GLY A 268 -6.69 -6.45 -6.27
CA GLY A 268 -5.36 -6.41 -6.90
C GLY A 268 -4.24 -6.82 -5.96
N LEU A 269 -4.19 -6.17 -4.79
CA LEU A 269 -3.30 -6.47 -3.68
C LEU A 269 -3.48 -7.91 -3.21
N ALA A 270 -4.68 -8.44 -3.33
CA ALA A 270 -4.90 -9.81 -2.91
C ALA A 270 -4.19 -10.80 -3.80
N GLY A 271 -3.61 -10.36 -4.91
CA GLY A 271 -2.98 -11.35 -5.79
C GLY A 271 -1.65 -11.88 -5.26
N PRO A 272 -1.36 -13.17 -5.41
CA PRO A 272 -0.09 -13.75 -4.94
C PRO A 272 1.21 -13.11 -5.41
N LEU A 273 1.22 -12.62 -6.64
CA LEU A 273 2.41 -11.97 -7.14
C LEU A 273 2.42 -10.53 -6.67
N HIS A 274 1.35 -10.09 -6.04
CA HIS A 274 1.29 -8.72 -5.57
C HIS A 274 1.34 -8.67 -4.06
N GLY A 275 0.37 -8.07 -3.38
CA GLY A 275 0.40 -7.98 -1.92
C GLY A 275 0.41 -9.31 -1.16
N LEU A 276 -0.36 -10.31 -1.61
CA LEU A 276 -0.48 -11.62 -0.98
C LEU A 276 0.83 -12.31 -0.63
N ALA A 277 1.93 -11.90 -1.29
CA ALA A 277 3.29 -12.38 -1.01
C ALA A 277 3.62 -12.24 0.47
N ASN A 278 2.95 -11.28 1.10
CA ASN A 278 2.99 -11.07 2.53
C ASN A 278 2.87 -12.41 3.19
N GLN A 279 1.71 -12.93 2.81
CA GLN A 279 1.23 -14.14 3.40
C GLN A 279 1.91 -15.39 2.89
N GLU A 280 2.18 -15.40 1.60
CA GLU A 280 2.79 -16.55 0.97
C GLU A 280 4.15 -16.84 1.55
N VAL A 281 4.87 -15.78 1.87
CA VAL A 281 6.18 -15.89 2.48
C VAL A 281 6.10 -16.68 3.78
N LEU A 282 5.25 -16.24 4.70
CA LEU A 282 5.13 -16.94 5.98
C LEU A 282 4.74 -18.40 5.87
N GLY A 283 3.83 -18.70 4.95
CA GLY A 283 3.38 -20.08 4.76
C GLY A 283 4.43 -20.91 4.03
N TRP A 284 5.40 -20.22 3.47
CA TRP A 284 6.42 -20.95 2.80
C TRP A 284 7.48 -21.24 3.83
N LEU A 285 7.80 -20.23 4.65
CA LEU A 285 8.69 -20.46 5.78
C LEU A 285 8.10 -21.56 6.65
N ALA A 286 6.84 -21.34 7.10
CA ALA A 286 6.09 -22.27 7.95
C ALA A 286 6.27 -23.74 7.54
N GLN A 287 6.20 -24.01 6.23
CA GLN A 287 6.39 -25.27 5.53
C GLN A 287 7.82 -25.77 5.43
N LEU A 288 8.70 -24.77 5.33
CA LEU A 288 10.15 -24.89 5.26
C LEU A 288 10.48 -25.60 6.55
N GLN A 289 10.26 -24.90 7.63
CA GLN A 289 10.50 -25.42 8.96
C GLN A 289 9.88 -26.75 9.32
N LYS A 290 8.83 -27.14 8.62
CA LYS A 290 8.20 -28.37 9.02
C LYS A 290 8.93 -29.51 8.36
N ALA A 291 9.43 -29.20 7.16
CA ALA A 291 10.17 -30.19 6.38
C ALA A 291 11.60 -30.16 6.88
N ALA A 295 16.20 -25.15 12.41
CA ALA A 295 17.63 -25.06 12.26
C ALA A 295 18.28 -26.03 11.27
N GLY A 296 18.21 -25.63 9.98
CA GLY A 296 18.71 -26.30 8.78
C GLY A 296 19.98 -25.67 8.21
N ALA A 297 20.68 -26.47 7.41
CA ALA A 297 21.93 -26.13 6.77
C ALA A 297 21.60 -25.39 5.51
N ASP A 298 22.51 -24.58 5.04
CA ASP A 298 22.31 -23.93 3.76
C ASP A 298 22.06 -24.98 2.67
N ALA A 299 22.70 -26.14 2.76
CA ALA A 299 22.49 -27.08 1.69
C ALA A 299 21.08 -27.61 1.69
N SER A 300 20.52 -27.87 2.87
CA SER A 300 19.15 -28.31 2.81
C SER A 300 18.27 -27.13 2.42
N LEU A 301 18.74 -25.90 2.69
CA LEU A 301 17.99 -24.66 2.42
C LEU A 301 17.93 -24.42 0.92
N ARG A 302 18.98 -24.90 0.33
CA ARG A 302 19.08 -24.75 -1.07
C ARG A 302 18.33 -25.84 -1.81
N ASP A 303 18.25 -27.07 -1.28
CA ASP A 303 17.45 -28.12 -1.91
C ASP A 303 15.97 -27.73 -1.94
N TYR A 304 15.61 -27.06 -0.85
CA TYR A 304 14.24 -26.66 -0.62
C TYR A 304 13.79 -25.64 -1.61
N ILE A 305 14.70 -24.73 -1.89
CA ILE A 305 14.49 -23.68 -2.87
C ILE A 305 14.34 -24.26 -4.27
N TRP A 306 15.21 -25.21 -4.61
CA TRP A 306 15.15 -25.81 -5.94
C TRP A 306 13.88 -26.58 -6.23
N ASN A 307 13.36 -27.21 -5.21
CA ASN A 307 12.18 -27.99 -5.38
C ASN A 307 10.99 -27.09 -5.69
N THR A 308 11.02 -25.86 -5.12
CA THR A 308 9.97 -24.86 -5.33
C THR A 308 10.00 -24.48 -6.78
N LEU A 309 11.19 -24.07 -7.20
CA LEU A 309 11.50 -23.67 -8.56
C LEU A 309 11.13 -24.75 -9.60
N ASN A 310 11.56 -25.99 -9.31
CA ASN A 310 11.36 -27.18 -10.12
C ASN A 310 9.89 -27.60 -10.27
N SER A 311 9.07 -27.14 -9.32
CA SER A 311 7.63 -27.39 -9.25
C SER A 311 6.75 -26.33 -9.94
N GLY A 312 7.38 -25.44 -10.72
CA GLY A 312 6.68 -24.40 -11.45
C GLY A 312 5.97 -23.40 -10.55
N ARG A 313 6.62 -23.08 -9.42
CA ARG A 313 6.15 -22.18 -8.37
C ARG A 313 7.10 -21.02 -8.16
N VAL A 314 6.66 -19.98 -7.48
CA VAL A 314 7.61 -18.94 -7.25
C VAL A 314 8.02 -18.95 -5.80
N VAL A 315 9.19 -18.36 -5.65
CA VAL A 315 9.74 -18.13 -4.36
C VAL A 315 9.23 -16.77 -3.99
N PRO A 316 8.30 -16.84 -3.06
CA PRO A 316 7.63 -15.66 -2.59
C PRO A 316 8.58 -14.70 -1.89
N GLY A 317 8.57 -13.41 -2.23
CA GLY A 317 9.32 -12.45 -1.44
C GLY A 317 10.60 -11.89 -2.04
N TYR A 318 10.85 -12.38 -3.24
CA TYR A 318 12.01 -12.10 -4.06
C TYR A 318 11.61 -11.74 -5.47
N GLY A 319 12.29 -10.78 -6.08
CA GLY A 319 11.88 -10.41 -7.41
C GLY A 319 11.01 -9.17 -7.33
N HIS A 320 11.04 -8.43 -8.44
CA HIS A 320 10.34 -7.17 -8.64
C HIS A 320 10.33 -6.79 -10.11
N ALA A 321 9.25 -6.13 -10.49
CA ALA A 321 9.09 -5.68 -11.85
C ALA A 321 9.95 -4.48 -12.15
N VAL A 322 10.29 -3.68 -11.15
CA VAL A 322 11.05 -2.48 -11.47
C VAL A 322 12.37 -2.42 -10.71
N LEU A 323 12.33 -2.81 -9.44
CA LEU A 323 13.53 -2.84 -8.64
C LEU A 323 14.48 -3.87 -9.17
N ARG A 324 15.76 -3.50 -9.09
CA ARG A 324 16.89 -4.31 -9.53
C ARG A 324 17.91 -4.55 -8.45
N LYS A 325 17.58 -4.16 -7.23
CA LYS A 325 18.45 -4.23 -6.07
C LYS A 325 17.56 -4.51 -4.85
N THR A 326 18.18 -4.81 -3.72
CA THR A 326 17.41 -5.00 -2.53
C THR A 326 16.57 -3.78 -2.21
N ASP A 327 15.30 -4.08 -2.01
CA ASP A 327 14.29 -3.13 -1.63
C ASP A 327 14.64 -2.52 -0.28
N PRO A 328 14.88 -1.20 -0.24
CA PRO A 328 15.17 -0.40 0.95
C PRO A 328 14.07 -0.60 1.99
N ARG A 329 12.91 -1.00 1.48
CA ARG A 329 11.79 -1.34 2.36
C ARG A 329 12.10 -2.67 3.11
N TYR A 330 12.92 -3.52 2.48
CA TYR A 330 13.38 -4.79 3.06
C TYR A 330 14.43 -4.46 4.13
N THR A 331 15.39 -3.60 3.75
CA THR A 331 16.44 -3.17 4.64
C THR A 331 15.96 -2.47 5.89
N CYS A 332 14.95 -1.63 5.65
CA CYS A 332 14.28 -0.90 6.71
C CYS A 332 13.78 -1.89 7.73
N GLN A 333 13.18 -2.97 7.22
CA GLN A 333 12.61 -3.98 8.09
C GLN A 333 13.65 -4.78 8.84
N ARG A 334 14.74 -5.04 8.14
CA ARG A 334 15.81 -5.82 8.71
C ARG A 334 16.51 -5.09 9.86
N GLU A 335 16.71 -3.82 9.64
CA GLU A 335 17.33 -2.99 10.63
C GLU A 335 16.43 -2.93 11.87
N PHE A 336 15.11 -3.11 11.71
CA PHE A 336 14.16 -3.10 12.83
C PHE A 336 14.23 -4.38 13.63
N ALA A 337 14.24 -5.54 12.96
CA ALA A 337 14.48 -6.82 13.64
C ALA A 337 15.83 -6.76 14.33
N LEU A 338 16.84 -6.24 13.63
CA LEU A 338 18.16 -6.16 14.21
C LEU A 338 18.18 -5.46 15.56
N LYS A 339 17.35 -4.41 15.72
CA LYS A 339 17.30 -3.61 16.94
C LYS A 339 16.53 -4.28 18.05
N HIS A 340 15.38 -4.85 17.64
CA HIS A 340 14.29 -5.40 18.46
C HIS A 340 14.07 -6.90 18.63
N LEU A 341 14.46 -7.75 17.67
CA LEU A 341 14.20 -9.18 17.77
C LEU A 341 15.32 -9.95 17.05
N PRO A 342 16.55 -9.62 17.41
CA PRO A 342 17.68 -10.21 16.71
C PRO A 342 17.88 -11.72 16.90
N GLY A 343 17.45 -12.29 18.03
CA GLY A 343 17.59 -13.72 18.30
C GLY A 343 16.41 -14.53 17.81
N ASP A 344 15.37 -13.87 17.30
CA ASP A 344 14.22 -14.65 16.83
C ASP A 344 14.63 -15.59 15.71
N PRO A 345 14.39 -16.89 15.92
CA PRO A 345 14.66 -17.96 14.99
C PRO A 345 13.99 -17.75 13.64
N MET A 346 12.75 -17.21 13.56
CA MET A 346 12.13 -16.92 12.25
C MET A 346 12.99 -15.87 11.58
N PHE A 347 13.35 -14.89 12.41
CA PHE A 347 14.19 -13.81 11.95
C PHE A 347 15.45 -14.39 11.33
N LYS A 348 16.16 -15.19 12.11
CA LYS A 348 17.41 -15.74 11.62
C LYS A 348 17.26 -16.48 10.31
N LEU A 349 16.17 -17.22 10.18
CA LEU A 349 15.92 -17.96 8.96
C LEU A 349 15.90 -16.98 7.78
N VAL A 350 15.13 -15.90 7.96
CA VAL A 350 14.94 -14.82 7.02
C VAL A 350 16.27 -14.17 6.71
N ALA A 351 17.11 -14.10 7.72
CA ALA A 351 18.44 -13.59 7.46
C ALA A 351 19.21 -14.62 6.64
N GLN A 352 19.00 -15.90 6.93
CA GLN A 352 19.72 -16.99 6.27
C GLN A 352 19.37 -17.18 4.79
N LEU A 353 18.09 -16.99 4.51
CA LEU A 353 17.55 -17.04 3.17
C LEU A 353 18.15 -15.92 2.34
N TYR A 354 18.37 -14.77 2.99
CA TYR A 354 18.90 -13.65 2.24
C TYR A 354 20.21 -14.06 1.59
N LYS A 355 20.93 -14.89 2.31
CA LYS A 355 22.21 -15.36 1.86
C LYS A 355 22.13 -16.41 0.77
N ILE A 356 21.00 -17.09 0.70
CA ILE A 356 20.90 -18.20 -0.22
C ILE A 356 20.07 -17.92 -1.46
N VAL A 357 18.84 -17.47 -1.25
CA VAL A 357 17.86 -17.24 -2.31
C VAL A 357 18.41 -16.63 -3.59
N PRO A 358 18.90 -15.42 -3.44
CA PRO A 358 19.36 -14.65 -4.57
C PRO A 358 20.37 -15.42 -5.38
N ASN A 359 21.25 -16.11 -4.67
CA ASN A 359 22.29 -16.89 -5.32
C ASN A 359 21.64 -18.03 -6.12
N VAL A 360 20.59 -18.57 -5.56
CA VAL A 360 19.91 -19.64 -6.22
C VAL A 360 19.14 -19.13 -7.41
N LEU A 361 18.57 -17.95 -7.23
CA LEU A 361 17.85 -17.29 -8.31
C LEU A 361 18.79 -16.84 -9.43
N LEU A 362 20.03 -16.54 -9.07
CA LEU A 362 21.00 -16.17 -10.07
C LEU A 362 21.36 -17.44 -10.82
N GLU A 363 21.46 -18.53 -10.05
CA GLU A 363 21.80 -19.80 -10.62
C GLU A 363 20.77 -20.24 -11.66
N GLN A 364 19.50 -20.10 -11.30
CA GLN A 364 18.45 -20.42 -12.22
C GLN A 364 18.45 -19.58 -13.48
N GLY A 365 18.90 -18.33 -13.42
CA GLY A 365 18.96 -17.55 -14.63
C GLY A 365 17.62 -17.14 -15.27
N ALA A 366 16.59 -16.96 -14.47
CA ALA A 366 15.30 -16.49 -14.97
C ALA A 366 14.91 -15.11 -14.45
N ALA A 367 14.87 -14.93 -13.12
CA ALA A 367 14.51 -13.67 -12.49
C ALA A 367 15.39 -12.53 -12.93
N ALA A 368 14.83 -11.42 -13.38
CA ALA A 368 15.68 -10.28 -13.69
C ALA A 368 16.25 -9.67 -12.40
N ASN A 369 15.47 -9.71 -11.34
CA ASN A 369 15.92 -9.18 -10.07
C ASN A 369 15.97 -10.28 -8.99
N PRO A 370 17.17 -10.78 -8.63
CA PRO A 370 17.23 -11.86 -7.65
C PRO A 370 17.09 -11.49 -6.18
N TRP A 371 16.97 -10.18 -5.87
CA TRP A 371 16.91 -9.59 -4.53
C TRP A 371 15.53 -9.62 -3.90
N PRO A 372 15.48 -9.63 -2.57
CA PRO A 372 14.20 -9.60 -1.87
C PRO A 372 13.50 -8.24 -2.00
N ASN A 373 12.17 -8.28 -1.82
CA ASN A 373 11.31 -7.11 -1.84
C ASN A 373 10.65 -6.98 -0.46
N VAL A 374 9.86 -5.94 -0.26
CA VAL A 374 9.22 -5.70 1.03
C VAL A 374 8.52 -6.89 1.70
N ASP A 375 7.92 -7.76 0.89
CA ASP A 375 7.11 -8.81 1.43
C ASP A 375 7.89 -9.96 2.07
N ALA A 376 9.17 -10.03 1.74
CA ALA A 376 10.01 -11.06 2.30
C ALA A 376 10.29 -10.77 3.75
N HIS A 377 10.09 -9.54 4.21
CA HIS A 377 10.49 -9.25 5.57
C HIS A 377 9.46 -8.91 6.61
N SER A 378 8.25 -8.61 6.15
CA SER A 378 7.16 -8.10 6.98
C SER A 378 6.57 -9.01 8.02
N GLY A 379 6.13 -10.18 7.59
CA GLY A 379 5.44 -11.10 8.47
C GLY A 379 6.26 -11.55 9.66
N VAL A 380 7.57 -11.68 9.45
CA VAL A 380 8.49 -12.18 10.47
C VAL A 380 8.38 -11.35 11.73
N LEU A 381 8.31 -10.08 11.40
CA LEU A 381 8.16 -9.04 12.35
C LEU A 381 6.83 -9.16 13.09
N LEU A 382 5.73 -9.43 12.38
CA LEU A 382 4.40 -9.51 12.96
C LEU A 382 4.19 -10.64 13.95
N GLN A 383 4.72 -11.79 13.53
CA GLN A 383 4.70 -13.08 14.20
C GLN A 383 5.42 -13.00 15.55
N TYR A 384 6.51 -12.25 15.56
CA TYR A 384 7.27 -12.03 16.78
C TYR A 384 6.38 -11.41 17.84
N TYR A 385 5.55 -10.48 17.38
CA TYR A 385 4.71 -9.73 18.26
C TYR A 385 3.48 -10.46 18.71
N GLY A 386 3.35 -11.68 18.23
CA GLY A 386 2.24 -12.52 18.59
C GLY A 386 1.09 -12.48 17.59
N MET A 387 1.24 -11.71 16.50
CA MET A 387 0.27 -11.65 15.41
C MET A 387 0.67 -12.71 14.41
N THR A 388 0.32 -13.93 14.72
CA THR A 388 0.76 -14.98 13.85
C THR A 388 -0.31 -15.38 12.84
N GLU A 389 -1.45 -14.67 12.68
CA GLU A 389 -2.43 -15.10 11.68
C GLU A 389 -2.09 -14.60 10.28
N MET A 390 -1.26 -15.36 9.56
CA MET A 390 -0.73 -15.07 8.22
C MET A 390 -1.71 -14.69 7.12
N ASN A 391 -2.93 -15.21 7.19
CA ASN A 391 -3.90 -14.88 6.16
C ASN A 391 -4.41 -13.45 6.33
N TYR A 392 -4.01 -12.77 7.41
CA TYR A 392 -4.39 -11.40 7.73
C TYR A 392 -3.39 -10.31 7.33
N TYR A 393 -2.13 -10.69 7.11
CA TYR A 393 -1.06 -9.78 6.77
C TYR A 393 -1.36 -8.75 5.66
N THR A 394 -1.83 -9.27 4.53
CA THR A 394 -2.18 -8.41 3.43
C THR A 394 -3.20 -7.36 3.81
N VAL A 395 -3.97 -7.57 4.88
CA VAL A 395 -4.94 -6.55 5.27
C VAL A 395 -4.16 -5.34 5.77
N LEU A 396 -3.11 -5.63 6.52
CA LEU A 396 -2.27 -4.57 7.02
C LEU A 396 -1.69 -3.72 5.91
N PHE A 397 -1.16 -4.40 4.87
CA PHE A 397 -0.63 -3.80 3.64
C PHE A 397 -1.72 -2.89 3.10
N GLY A 398 -2.92 -3.47 3.08
CA GLY A 398 -4.16 -2.90 2.60
C GLY A 398 -4.41 -1.51 3.17
N VAL A 399 -4.53 -1.45 4.49
CA VAL A 399 -4.75 -0.20 5.18
C VAL A 399 -3.70 0.86 4.87
N SER A 400 -2.44 0.47 4.81
CA SER A 400 -1.37 1.41 4.53
C SER A 400 -1.45 2.00 3.13
N ARG A 401 -1.61 1.11 2.18
CA ARG A 401 -1.63 1.47 0.79
C ARG A 401 -2.66 2.54 0.47
N ALA A 402 -3.77 2.54 1.20
CA ALA A 402 -4.80 3.58 1.10
C ALA A 402 -4.20 4.99 1.11
N LEU A 403 -3.21 5.19 2.00
CA LEU A 403 -2.58 6.52 2.17
C LEU A 403 -2.02 7.09 0.88
N GLY A 404 -1.45 6.21 0.07
CA GLY A 404 -0.82 6.57 -1.18
C GLY A 404 -1.80 6.58 -2.34
N VAL A 405 -2.62 5.56 -2.42
CA VAL A 405 -3.58 5.62 -3.49
C VAL A 405 -4.63 6.72 -3.33
N LEU A 406 -5.05 7.08 -2.11
CA LEU A 406 -5.98 8.19 -1.97
C LEU A 406 -5.32 9.57 -2.16
N ALA A 407 -4.04 9.74 -1.72
CA ALA A 407 -3.26 10.96 -1.89
C ALA A 407 -3.22 11.37 -3.35
N GLN A 408 -2.83 10.44 -4.24
CA GLN A 408 -2.80 10.69 -5.69
C GLN A 408 -4.19 10.85 -6.30
N LEU A 409 -5.14 10.08 -5.81
CA LEU A 409 -6.45 10.09 -6.41
C LEU A 409 -7.05 11.49 -6.43
N ILE A 410 -6.81 12.19 -5.33
CA ILE A 410 -7.30 13.55 -5.18
C ILE A 410 -6.57 14.46 -6.18
N TRP A 411 -5.33 14.12 -6.52
CA TRP A 411 -4.62 14.94 -7.49
C TRP A 411 -5.13 14.74 -8.91
N SER A 412 -5.28 13.48 -9.30
CA SER A 412 -5.81 13.10 -10.60
C SER A 412 -7.01 13.93 -11.07
N ARG A 413 -7.99 13.95 -10.15
CA ARG A 413 -9.25 14.67 -10.19
C ARG A 413 -8.92 16.16 -10.09
N ALA A 414 -7.99 16.57 -9.22
CA ALA A 414 -7.64 17.99 -9.22
C ALA A 414 -7.09 18.48 -10.58
N LEU A 415 -6.24 17.67 -11.15
CA LEU A 415 -5.60 17.93 -12.42
C LEU A 415 -6.49 17.59 -13.61
N GLY A 416 -7.67 17.07 -13.36
CA GLY A 416 -8.51 16.68 -14.46
C GLY A 416 -7.99 15.53 -15.30
N PHE A 417 -7.26 14.55 -14.74
CA PHE A 417 -6.80 13.45 -15.60
C PHE A 417 -8.02 12.75 -16.21
N PRO A 418 -8.01 12.46 -17.52
CA PRO A 418 -9.07 11.77 -18.26
C PRO A 418 -9.15 10.26 -18.03
N LEU A 419 -10.12 9.66 -18.73
CA LEU A 419 -10.35 8.24 -18.71
C LEU A 419 -9.13 7.49 -19.22
N GLU A 420 -8.71 6.46 -18.48
CA GLU A 420 -7.56 5.64 -18.86
C GLU A 420 -8.07 4.57 -19.80
N ARG A 421 -7.69 4.71 -21.05
CA ARG A 421 -8.25 3.86 -22.04
C ARG A 421 -7.28 3.73 -23.20
N PRO A 422 -6.35 2.82 -23.01
CA PRO A 422 -5.37 2.59 -24.04
C PRO A 422 -5.97 1.71 -25.15
N LYS A 423 -5.16 1.51 -26.20
CA LYS A 423 -5.41 0.61 -27.33
C LYS A 423 -4.83 -0.80 -27.06
N SER A 424 -5.60 -1.83 -27.44
CA SER A 424 -5.20 -3.22 -27.31
C SER A 424 -5.19 -3.80 -28.69
N MET A 425 -4.43 -4.86 -28.83
CA MET A 425 -4.32 -5.48 -30.11
C MET A 425 -4.44 -6.96 -29.89
N SER A 426 -4.69 -7.70 -30.96
CA SER A 426 -4.70 -9.14 -30.84
C SER A 426 -3.40 -9.64 -31.46
N THR A 427 -3.11 -10.91 -31.26
CA THR A 427 -1.92 -11.43 -31.85
C THR A 427 -1.94 -11.35 -33.38
N ASP A 428 -3.11 -11.65 -33.96
CA ASP A 428 -3.29 -11.63 -35.39
C ASP A 428 -2.97 -10.27 -35.92
N GLY A 429 -3.58 -9.32 -35.21
CA GLY A 429 -3.51 -7.90 -35.46
C GLY A 429 -2.10 -7.41 -35.30
N LEU A 430 -1.38 -8.00 -34.39
CA LEU A 430 -0.01 -7.57 -34.30
C LEU A 430 0.82 -8.20 -35.42
N ILE A 431 0.56 -9.50 -35.65
CA ILE A 431 1.18 -10.26 -36.71
C ILE A 431 1.04 -9.48 -38.02
N ALA A 432 -0.17 -8.95 -38.27
CA ALA A 432 -0.42 -8.07 -39.41
C ALA A 432 0.28 -6.71 -39.38
N LEU A 433 0.44 -6.08 -38.22
CA LEU A 433 1.02 -4.74 -38.20
C LEU A 433 2.32 -4.53 -39.00
N1A CIC B . 10.60 -17.06 -7.94
C2A CIC B . 10.67 -17.79 -9.10
N3A CIC B . 10.77 -17.31 -10.33
C4A CIC B . 10.73 -15.97 -10.38
C5A CIC B . 10.63 -15.09 -9.27
C6A CIC B . 10.55 -15.71 -7.94
N6A CIC B . 10.51 -15.07 -6.80
N7A CIC B . 10.67 -13.78 -9.68
C8A CIC B . 10.81 -13.83 -11.00
N9A CIC B . 10.82 -15.13 -11.49
C1B CIC B . 10.62 -15.52 -12.93
C2B CIC B . 9.38 -14.91 -13.50
O2B CIC B . 8.27 -15.64 -12.99
C3B CIC B . 9.59 -15.25 -14.98
O3B CIC B . 9.20 -16.59 -15.27
P3B CIC B . 8.67 -17.19 -16.77
O7A CIC B . 8.52 -18.76 -16.96
O8A CIC B . 7.26 -16.62 -16.30
O9A CIC B . 9.35 -16.39 -17.95
C4B CIC B . 11.07 -14.82 -15.14
O4B CIC B . 11.62 -14.88 -13.76
C5B CIC B . 11.39 -13.39 -15.62
O5B CIC B . 10.50 -12.54 -14.83
P1A CIC B . 11.02 -11.19 -14.10
O1A CIC B . 12.22 -11.48 -13.22
O2A CIC B . 11.10 -10.08 -15.12
O3A CIC B . 9.77 -10.78 -13.21
P2A CIC B . 8.40 -9.91 -13.48
O4A CIC B . 8.77 -8.40 -13.61
O5A CIC B . 7.54 -10.39 -14.67
O6A CIC B . 7.58 -10.21 -12.13
CBP CIC B . 7.52 -10.48 -9.77
CCP CIC B . 8.07 -9.66 -10.93
CDP CIC B . 7.57 -9.68 -8.45
CEP CIC B . 6.07 -10.81 -10.20
CAP CIC B . 8.33 -11.79 -9.67
OAP CIC B . 9.68 -11.45 -9.29
C9P CIC B . 7.64 -12.80 -8.70
O9P CIC B . 6.64 -13.52 -9.10
N8P CIC B . 8.05 -12.81 -7.42
C7P CIC B . 7.47 -13.73 -6.45
C6P CIC B . 6.24 -13.12 -5.76
C5P CIC B . 6.60 -11.87 -4.99
O5P CIC B . 7.61 -11.79 -4.23
N4P CIC B . 5.82 -10.87 -5.15
C3P CIC B . 6.28 -9.57 -4.58
C2P CIC B . 5.82 -8.32 -5.34
S1P CIC B . 6.07 -6.88 -4.28
C1P CIC B . 4.43 -6.12 -4.13
C1 CIC B . 4.50 -4.63 -4.16
C2 CIC B . 5.21 -3.43 -4.77
O2 CIC B . 6.58 -3.43 -4.32
C3 CIC B . 4.40 -2.31 -4.14
O31 CIC B . 4.69 -1.86 -3.04
O32 CIC B . 3.26 -2.16 -4.60
C4 CIC B . 4.93 -3.61 -6.23
C5 CIC B . 5.38 -2.75 -7.37
O51 CIC B . 5.93 -1.63 -7.15
O52 CIC B . 5.01 -3.13 -8.54
#